data_3R43
#
_entry.id   3R43
#
_cell.length_a   58.282
_cell.length_b   64.560
_cell.length_c   96.604
_cell.angle_alpha   90.00
_cell.angle_beta   90.00
_cell.angle_gamma   90.00
#
_symmetry.space_group_name_H-M   'P 21 21 21'
#
loop_
_entity.id
_entity.type
_entity.pdbx_description
1 polymer 'Aldo-keto reductase family 1 member C3'
2 non-polymer 'NADP NICOTINAMIDE-ADENINE-DINUCLEOTIDE PHOSPHATE'
3 non-polymer '2-[(2,3-DIMETHYLPHENYL)AMINO]BENZOIC ACID'
4 non-polymer 1,2-ETHANEDIOL
5 water water
#
_entity_poly.entity_id   1
_entity_poly.type   'polypeptide(L)'
_entity_poly.pdbx_seq_one_letter_code
;MDSKHQCVKLNDGHFMPVLGFGTYAPPEVPRSKALEVTKLAIEAGFRHIDSAHLYNNEEQVGLAIRSKIADGSVKREDIF
YTSKLWSTFHRPELVRPALENSLKKAQLDYVDLYLIHSPMSLKPGEELSPTDENGKVIFDIVDLCTTWEAMEKCKDAGLA
KSIGVSNFNRRQLEMILNKPGLKYKPVCNQVECHPYFNRSKLLDFCKSKDIVLVAYSALGSQRDKRWVDPNSPVLLEDPV
LCALAKKHKRTPALIALRYQLQRGVVVLAKSYNEQRIRQNVQVFEFQLTAEDMKAIDGLDRNLHYFNSDSFASHPNYPYS
DEYLEHHHHHH
;
_entity_poly.pdbx_strand_id   A
#
loop_
_chem_comp.id
_chem_comp.type
_chem_comp.name
_chem_comp.formula
EDO non-polymer 1,2-ETHANEDIOL 'C2 H6 O2'
ID8 non-polymer '2-[(2,3-DIMETHYLPHENYL)AMINO]BENZOIC ACID' 'C15 H15 N O2'
NAP non-polymer 'NADP NICOTINAMIDE-ADENINE-DINUCLEOTIDE PHOSPHATE' 'C21 H28 N7 O17 P3'
#
# COMPACT_ATOMS: atom_id res chain seq x y z
N GLN A 6 0.17 11.29 14.58
CA GLN A 6 0.71 10.03 13.97
C GLN A 6 0.30 10.00 12.48
N CYS A 7 0.38 11.17 11.88
CA CYS A 7 -0.03 11.40 10.50
C CYS A 7 1.08 12.14 9.79
N VAL A 8 1.14 11.98 8.47
CA VAL A 8 2.03 12.78 7.65
C VAL A 8 1.14 13.69 6.78
N LYS A 9 1.58 14.94 6.57
CA LYS A 9 0.83 15.86 5.74
C LYS A 9 1.16 15.60 4.30
N LEU A 10 0.17 15.31 3.48
CA LEU A 10 0.44 15.08 2.05
C LEU A 10 0.60 16.34 1.25
N ASN A 11 1.11 16.19 0.03
CA ASN A 11 1.40 17.35 -0.77
C ASN A 11 0.14 18.08 -1.30
N ASP A 12 -1.08 17.55 -1.07
CA ASP A 12 -2.32 18.31 -1.37
C ASP A 12 -3.04 18.84 -0.13
N GLY A 13 -2.39 18.77 1.02
CA GLY A 13 -2.95 19.32 2.27
C GLY A 13 -3.70 18.32 3.13
N HIS A 14 -4.06 17.14 2.57
CA HIS A 14 -4.71 16.13 3.43
C HIS A 14 -3.67 15.42 4.28
N PHE A 15 -4.14 14.68 5.27
CA PHE A 15 -3.29 13.95 6.21
C PHE A 15 -3.43 12.42 6.06
N MET A 16 -2.31 11.70 6.18
CA MET A 16 -2.34 10.22 6.05
C MET A 16 -1.77 9.63 7.32
N PRO A 17 -2.51 8.73 7.98
CA PRO A 17 -1.93 8.07 9.16
C PRO A 17 -0.69 7.23 8.75
N VAL A 18 0.37 7.29 9.56
CA VAL A 18 1.69 6.73 9.11
C VAL A 18 1.73 5.20 9.23
N LEU A 19 0.73 4.61 9.90
CA LEU A 19 0.65 3.13 9.98
C LEU A 19 -0.66 2.72 9.42
N GLY A 20 -0.63 1.81 8.45
CA GLY A 20 -1.85 1.40 7.78
C GLY A 20 -2.13 -0.07 7.93
N PHE A 21 -3.42 -0.43 7.87
CA PHE A 21 -3.84 -1.82 7.99
C PHE A 21 -3.92 -2.43 6.59
N GLY A 22 -3.19 -3.53 6.37
CA GLY A 22 -3.28 -4.17 5.04
C GLY A 22 -4.44 -5.17 5.05
N THR A 23 -5.30 -5.14 4.03
CA THR A 23 -6.50 -5.97 4.08
C THR A 23 -6.46 -7.16 3.11
N TYR A 24 -5.40 -7.29 2.29
CA TYR A 24 -5.44 -8.39 1.33
C TYR A 24 -5.33 -9.75 2.06
N ALA A 25 -6.20 -10.69 1.74
CA ALA A 25 -6.00 -12.07 2.11
C ALA A 25 -6.26 -12.92 0.87
N PRO A 26 -5.58 -14.08 0.75
CA PRO A 26 -5.79 -14.91 -0.45
C PRO A 26 -7.23 -15.49 -0.54
N PRO A 27 -7.64 -15.93 -1.74
CA PRO A 27 -9.01 -16.32 -1.81
C PRO A 27 -9.40 -17.57 -0.98
N GLU A 28 -8.45 -18.33 -0.44
CA GLU A 28 -8.86 -19.42 0.46
C GLU A 28 -9.34 -18.96 1.86
N VAL A 29 -9.14 -17.68 2.18
CA VAL A 29 -9.62 -17.13 3.44
C VAL A 29 -11.05 -16.63 3.17
N PRO A 30 -12.04 -17.09 3.97
CA PRO A 30 -13.42 -16.63 3.80
C PRO A 30 -13.53 -15.09 3.79
N ARG A 31 -14.38 -14.57 2.92
CA ARG A 31 -14.60 -13.14 2.77
C ARG A 31 -15.07 -12.50 4.07
N SER A 32 -15.76 -13.28 4.90
CA SER A 32 -16.16 -12.78 6.22
C SER A 32 -14.99 -12.40 7.14
N LYS A 33 -13.81 -13.00 6.98
CA LYS A 33 -12.66 -12.60 7.82
C LYS A 33 -12.30 -11.13 7.69
N ALA A 34 -12.37 -10.58 6.46
CA ALA A 34 -12.01 -9.16 6.20
C ALA A 34 -12.84 -8.24 7.09
N LEU A 35 -14.13 -8.53 7.25
CA LEU A 35 -14.98 -7.66 8.07
C LEU A 35 -14.52 -7.69 9.55
N GLU A 36 -14.27 -8.90 10.05
CA GLU A 36 -13.88 -9.14 11.45
C GLU A 36 -12.52 -8.49 11.71
N VAL A 37 -11.54 -8.70 10.83
CA VAL A 37 -10.19 -8.23 11.19
C VAL A 37 -10.11 -6.74 11.04
N THR A 38 -10.89 -6.16 10.11
CA THR A 38 -10.76 -4.70 9.92
C THR A 38 -11.37 -4.01 11.14
N LYS A 39 -12.49 -4.54 11.65
CA LYS A 39 -13.03 -4.04 12.92
C LYS A 39 -11.98 -4.13 14.02
N LEU A 40 -11.32 -5.28 14.13
CA LEU A 40 -10.26 -5.43 15.14
C LEU A 40 -9.15 -4.40 14.95
N ALA A 41 -8.78 -4.14 13.69
CA ALA A 41 -7.70 -3.20 13.42
C ALA A 41 -8.10 -1.83 13.95
N ILE A 42 -9.32 -1.42 13.68
CA ILE A 42 -9.78 -0.09 14.15
C ILE A 42 -9.82 -0.04 15.69
N GLU A 43 -10.32 -1.12 16.31
CA GLU A 43 -10.36 -1.19 17.79
C GLU A 43 -8.95 -1.08 18.36
N ALA A 44 -8.01 -1.80 17.73
CA ALA A 44 -6.60 -1.69 18.07
C ALA A 44 -6.00 -0.27 17.97
N GLY A 45 -6.53 0.58 17.11
CA GLY A 45 -5.92 1.92 16.93
C GLY A 45 -5.48 2.23 15.48
N PHE A 46 -5.54 1.26 14.55
CA PHE A 46 -5.34 1.59 13.09
C PHE A 46 -6.41 2.61 12.58
N ARG A 47 -5.97 3.60 11.82
CA ARG A 47 -6.86 4.59 11.26
C ARG A 47 -6.70 4.69 9.75
N HIS A 48 -5.81 3.86 9.21
CA HIS A 48 -5.46 3.91 7.79
C HIS A 48 -5.75 2.48 7.37
N ILE A 49 -6.60 2.33 6.38
CA ILE A 49 -7.07 0.98 5.96
C ILE A 49 -6.82 0.84 4.48
N ASP A 50 -6.07 -0.18 4.08
CA ASP A 50 -5.65 -0.25 2.66
C ASP A 50 -6.36 -1.37 1.93
N SER A 51 -7.18 -1.01 0.94
CA SER A 51 -7.93 -2.03 0.15
C SER A 51 -7.71 -1.82 -1.36
N ALA A 52 -8.47 -2.50 -2.21
CA ALA A 52 -8.30 -2.40 -3.65
C ALA A 52 -9.40 -3.22 -4.33
N HIS A 53 -9.73 -2.86 -5.56
CA HIS A 53 -10.66 -3.70 -6.37
C HIS A 53 -10.09 -5.10 -6.42
N LEU A 54 -8.78 -5.20 -6.68
CA LEU A 54 -8.14 -6.53 -6.77
C LEU A 54 -8.51 -7.48 -5.60
N TYR A 55 -8.70 -6.92 -4.40
CA TYR A 55 -8.74 -7.75 -3.18
C TYR A 55 -10.08 -8.46 -2.94
N ASN A 56 -11.13 -7.96 -3.62
CA ASN A 56 -12.46 -8.60 -3.57
C ASN A 56 -12.97 -8.59 -2.12
N ASN A 57 -12.71 -7.50 -1.40
CA ASN A 57 -13.10 -7.43 0.01
C ASN A 57 -13.68 -6.08 0.34
N GLU A 58 -13.88 -5.27 -0.68
CA GLU A 58 -14.28 -3.89 -0.43
C GLU A 58 -15.65 -3.77 0.30
N GLU A 59 -16.60 -4.64 -0.02
CA GLU A 59 -17.88 -4.69 0.76
C GLU A 59 -17.63 -4.90 2.24
N GLN A 60 -16.82 -5.90 2.55
CA GLN A 60 -16.51 -6.24 3.95
CA GLN A 60 -16.54 -6.24 3.94
C GLN A 60 -15.72 -5.16 4.65
N VAL A 61 -14.71 -4.63 3.95
CA VAL A 61 -13.87 -3.64 4.58
C VAL A 61 -14.72 -2.34 4.79
N GLY A 62 -15.51 -1.99 3.79
CA GLY A 62 -16.35 -0.79 3.85
C GLY A 62 -17.37 -0.98 4.99
N LEU A 63 -17.91 -2.20 5.13
CA LEU A 63 -18.86 -2.50 6.23
C LEU A 63 -18.20 -2.39 7.62
N ALA A 64 -16.99 -2.92 7.75
CA ALA A 64 -16.22 -2.75 9.00
C ALA A 64 -16.04 -1.29 9.37
N ILE A 65 -15.73 -0.46 8.40
CA ILE A 65 -15.57 0.96 8.65
C ILE A 65 -16.94 1.58 9.06
N ARG A 66 -18.01 1.18 8.38
CA ARG A 66 -19.34 1.76 8.69
C ARG A 66 -19.89 1.30 10.03
N SER A 67 -19.59 0.05 10.40
CA SER A 67 -19.87 -0.49 11.75
C SER A 67 -19.22 0.32 12.85
N LYS A 68 -17.93 0.62 12.66
CA LYS A 68 -17.19 1.32 13.69
C LYS A 68 -17.60 2.80 13.73
N ILE A 69 -18.15 3.29 12.65
CA ILE A 69 -18.75 4.64 12.69
C ILE A 69 -20.10 4.59 13.40
N ALA A 70 -20.92 3.60 13.03
CA ALA A 70 -22.23 3.39 13.63
C ALA A 70 -22.20 3.16 15.14
N ASP A 71 -21.26 2.34 15.63
CA ASP A 71 -21.21 2.04 17.06
C ASP A 71 -20.58 3.18 17.87
N GLY A 72 -20.19 4.26 17.21
CA GLY A 72 -19.61 5.38 17.89
C GLY A 72 -18.11 5.41 18.14
N SER A 73 -17.35 4.37 17.75
CA SER A 73 -15.87 4.37 17.98
C SER A 73 -15.10 5.46 17.22
N VAL A 74 -15.44 5.69 15.96
CA VAL A 74 -14.73 6.64 15.13
C VAL A 74 -15.76 7.40 14.31
N LYS A 75 -15.38 8.57 13.80
CA LYS A 75 -16.15 9.28 12.74
C LYS A 75 -15.47 9.08 11.37
N ARG A 76 -16.26 9.14 10.29
CA ARG A 76 -15.69 8.95 8.93
C ARG A 76 -14.37 9.69 8.71
N GLU A 77 -14.33 10.94 9.17
CA GLU A 77 -13.13 11.75 8.98
C GLU A 77 -11.91 11.33 9.84
N ASP A 78 -12.08 10.40 10.79
CA ASP A 78 -10.95 9.86 11.57
C ASP A 78 -10.31 8.65 10.80
N ILE A 79 -10.93 8.22 9.69
CA ILE A 79 -10.52 7.00 8.98
C ILE A 79 -9.99 7.45 7.65
N PHE A 80 -8.84 6.90 7.28
CA PHE A 80 -8.23 7.16 6.00
C PHE A 80 -8.37 5.84 5.20
N TYR A 81 -9.23 5.84 4.17
CA TYR A 81 -9.51 4.61 3.43
C TYR A 81 -8.95 4.72 2.00
N THR A 82 -8.19 3.68 1.59
CA THR A 82 -7.55 3.64 0.27
C THR A 82 -8.13 2.53 -0.56
N SER A 83 -8.44 2.86 -1.81
CA SER A 83 -8.68 1.81 -2.80
C SER A 83 -7.82 2.06 -4.04
N LYS A 84 -7.87 1.16 -4.99
CA LYS A 84 -6.93 1.20 -6.09
C LYS A 84 -7.59 0.72 -7.35
N LEU A 85 -7.24 1.44 -8.41
CA LEU A 85 -7.73 1.23 -9.77
C LEU A 85 -7.06 -0.03 -10.30
N TRP A 86 -7.84 -1.03 -10.62
CA TRP A 86 -7.20 -2.21 -11.24
C TRP A 86 -6.71 -1.99 -12.69
N SER A 87 -5.78 -2.83 -13.15
CA SER A 87 -4.97 -2.59 -14.35
C SER A 87 -5.72 -2.88 -15.66
N THR A 88 -6.90 -3.48 -15.53
CA THR A 88 -7.78 -3.64 -16.66
C THR A 88 -8.63 -2.39 -16.85
N PHE A 89 -8.47 -1.38 -15.98
CA PHE A 89 -9.27 -0.15 -16.08
C PHE A 89 -8.41 1.09 -16.28
N HIS A 90 -7.24 0.93 -16.90
CA HIS A 90 -6.38 2.07 -17.16
C HIS A 90 -6.90 3.07 -18.20
N ARG A 91 -7.68 2.58 -19.17
CA ARG A 91 -8.21 3.49 -20.19
C ARG A 91 -9.00 4.53 -19.46
N PRO A 92 -8.73 5.80 -19.78
CA PRO A 92 -9.23 6.97 -19.03
C PRO A 92 -10.74 6.93 -18.82
N GLU A 93 -11.49 6.51 -19.83
CA GLU A 93 -12.96 6.52 -19.64
C GLU A 93 -13.42 5.46 -18.63
N LEU A 94 -12.55 4.52 -18.28
CA LEU A 94 -12.91 3.48 -17.30
C LEU A 94 -12.57 3.82 -15.83
N VAL A 95 -11.78 4.86 -15.61
CA VAL A 95 -11.25 5.19 -14.28
C VAL A 95 -12.35 5.58 -13.31
N ARG A 96 -13.09 6.63 -13.66
CA ARG A 96 -14.17 7.10 -12.80
C ARG A 96 -15.26 6.05 -12.55
N PRO A 97 -15.70 5.30 -13.59
CA PRO A 97 -16.68 4.22 -13.30
C PRO A 97 -16.07 3.14 -12.39
N ALA A 98 -14.77 2.85 -12.52
CA ALA A 98 -14.15 1.84 -11.64
C ALA A 98 -14.10 2.34 -10.20
N LEU A 99 -13.83 3.63 -10.01
CA LEU A 99 -13.84 4.23 -8.67
C LEU A 99 -15.25 4.23 -8.06
N GLU A 100 -16.24 4.55 -8.88
CA GLU A 100 -17.64 4.60 -8.41
C GLU A 100 -18.15 3.22 -7.97
N ASN A 101 -17.71 2.21 -8.71
CA ASN A 101 -17.98 0.81 -8.29
C ASN A 101 -17.37 0.41 -6.95
N SER A 102 -16.10 0.80 -6.75
CA SER A 102 -15.41 0.58 -5.45
C SER A 102 -16.20 1.30 -4.35
N LEU A 103 -16.62 2.54 -4.61
CA LEU A 103 -17.37 3.32 -3.60
C LEU A 103 -18.71 2.66 -3.25
N LYS A 104 -19.40 2.20 -4.29
CA LYS A 104 -20.70 1.46 -4.10
C LYS A 104 -20.46 0.19 -3.32
N LYS A 105 -19.39 -0.54 -3.62
CA LYS A 105 -19.11 -1.80 -2.87
C LYS A 105 -18.91 -1.50 -1.41
N ALA A 106 -18.12 -0.46 -1.11
CA ALA A 106 -17.85 -0.12 0.30
C ALA A 106 -18.97 0.69 0.94
N GLN A 107 -19.88 1.22 0.12
CA GLN A 107 -20.99 2.08 0.57
C GLN A 107 -20.49 3.35 1.25
N LEU A 108 -19.51 3.97 0.62
CA LEU A 108 -18.89 5.17 1.14
C LEU A 108 -19.09 6.27 0.14
N ASP A 109 -19.11 7.53 0.62
CA ASP A 109 -19.20 8.66 -0.27
C ASP A 109 -17.92 9.00 -1.00
N TYR A 110 -16.76 8.66 -0.42
CA TYR A 110 -15.49 9.01 -1.03
C TYR A 110 -14.42 8.11 -0.45
N VAL A 111 -13.32 8.02 -1.18
CA VAL A 111 -12.11 7.39 -0.66
C VAL A 111 -11.13 8.48 -0.26
N ASP A 112 -10.39 8.25 0.80
CA ASP A 112 -9.35 9.20 1.15
C ASP A 112 -8.26 9.17 0.10
N LEU A 113 -8.07 8.00 -0.55
CA LEU A 113 -6.96 7.80 -1.46
C LEU A 113 -7.32 6.77 -2.49
N TYR A 114 -7.07 7.13 -3.74
CA TYR A 114 -7.23 6.22 -4.86
C TYR A 114 -5.93 6.12 -5.59
N LEU A 115 -5.50 4.89 -5.91
CA LEU A 115 -4.18 4.76 -6.51
C LEU A 115 -4.33 4.04 -7.80
N ILE A 116 -3.44 4.32 -8.74
CA ILE A 116 -3.24 3.40 -9.86
C ILE A 116 -2.47 2.20 -9.27
N HIS A 117 -3.06 1.00 -9.31
CA HIS A 117 -2.54 -0.14 -8.56
C HIS A 117 -1.19 -0.53 -9.13
N SER A 118 -1.06 -0.42 -10.45
CA SER A 118 0.16 -0.93 -11.08
C SER A 118 0.34 -0.20 -12.39
N PRO A 119 1.61 0.00 -12.86
CA PRO A 119 1.69 0.61 -14.20
C PRO A 119 1.54 -0.43 -15.30
N MET A 120 1.36 -1.72 -14.99
CA MET A 120 1.34 -2.76 -16.00
C MET A 120 -0.07 -3.01 -16.53
N SER A 121 -0.45 -2.24 -17.55
CA SER A 121 -1.83 -2.30 -18.09
C SER A 121 -2.18 -3.67 -18.62
N LEU A 122 -3.44 -4.06 -18.40
CA LEU A 122 -3.96 -5.33 -18.82
C LEU A 122 -5.20 -5.09 -19.71
N LYS A 123 -5.49 -6.06 -20.59
CA LYS A 123 -6.63 -5.93 -21.53
C LYS A 123 -7.92 -5.62 -20.78
N PRO A 124 -8.65 -4.56 -21.18
CA PRO A 124 -9.92 -4.21 -20.53
C PRO A 124 -10.95 -5.32 -20.61
N GLY A 125 -11.75 -5.38 -19.56
CA GLY A 125 -12.63 -6.51 -19.25
C GLY A 125 -12.94 -6.54 -17.76
N GLU A 126 -13.93 -7.35 -17.40
CA GLU A 126 -14.22 -7.63 -15.98
C GLU A 126 -13.25 -8.71 -15.40
N GLU A 127 -12.60 -9.52 -16.26
CA GLU A 127 -11.63 -10.53 -15.77
C GLU A 127 -10.33 -9.84 -15.27
N LEU A 128 -9.95 -10.13 -14.02
CA LEU A 128 -8.80 -9.52 -13.32
C LEU A 128 -7.42 -9.89 -13.91
N SER A 129 -7.27 -11.19 -14.27
CA SER A 129 -6.05 -11.76 -14.89
C SER A 129 -6.42 -12.34 -16.28
N PRO A 130 -6.74 -11.46 -17.26
CA PRO A 130 -7.09 -12.01 -18.59
C PRO A 130 -5.91 -12.79 -19.22
N THR A 131 -6.15 -14.00 -19.76
CA THR A 131 -5.03 -14.85 -20.26
C THR A 131 -5.12 -15.41 -21.70
N ILE A 138 -2.89 -11.40 -20.84
CA ILE A 138 -2.77 -10.43 -21.95
C ILE A 138 -2.66 -8.91 -21.64
N PHE A 139 -1.64 -8.29 -22.20
CA PHE A 139 -1.28 -6.93 -21.86
C PHE A 139 -2.02 -5.92 -22.72
N ASP A 140 -1.91 -4.65 -22.37
CA ASP A 140 -2.54 -3.53 -23.07
C ASP A 140 -1.50 -2.44 -23.08
N ILE A 141 -1.63 -1.48 -23.98
CA ILE A 141 -0.75 -0.33 -23.99
C ILE A 141 -1.63 0.88 -23.79
N VAL A 142 -1.35 1.65 -22.74
CA VAL A 142 -2.13 2.82 -22.43
C VAL A 142 -1.18 3.92 -22.01
N ASP A 143 -1.45 5.15 -22.46
CA ASP A 143 -0.78 6.33 -21.95
C ASP A 143 -1.27 6.59 -20.51
N LEU A 144 -0.43 6.23 -19.52
CA LEU A 144 -0.77 6.45 -18.09
C LEU A 144 -0.93 7.91 -17.73
N CYS A 145 -0.34 8.79 -18.55
CA CYS A 145 -0.66 10.21 -18.43
C CYS A 145 -2.16 10.53 -18.63
N THR A 146 -2.83 9.81 -19.52
CA THR A 146 -4.28 9.99 -19.68
C THR A 146 -5.04 9.33 -18.50
N THR A 147 -4.56 8.16 -18.06
CA THR A 147 -5.10 7.56 -16.81
C THR A 147 -5.03 8.57 -15.71
N TRP A 148 -3.88 9.24 -15.60
CA TRP A 148 -3.65 10.20 -14.52
C TRP A 148 -4.62 11.39 -14.62
N GLU A 149 -4.79 11.92 -15.84
CA GLU A 149 -5.82 12.97 -16.07
C GLU A 149 -7.19 12.57 -15.54
N ALA A 150 -7.60 11.32 -15.75
CA ALA A 150 -8.91 10.85 -15.26
C ALA A 150 -8.95 10.71 -13.72
N MET A 151 -7.79 10.40 -13.11
CA MET A 151 -7.61 10.39 -11.63
C MET A 151 -7.77 11.83 -11.10
N GLU A 152 -7.11 12.78 -11.75
CA GLU A 152 -7.33 14.22 -11.41
C GLU A 152 -8.80 14.61 -11.38
N LYS A 153 -9.55 14.28 -12.42
CA LYS A 153 -11.01 14.57 -12.46
C LYS A 153 -11.79 13.91 -11.30
N CYS A 154 -11.34 12.73 -10.85
CA CYS A 154 -11.99 12.08 -9.67
C CYS A 154 -11.71 12.83 -8.37
N LYS A 155 -10.51 13.38 -8.22
CA LYS A 155 -10.21 14.29 -7.11
C LYS A 155 -11.11 15.54 -7.15
N ASP A 156 -11.15 16.21 -8.29
CA ASP A 156 -11.96 17.45 -8.52
C ASP A 156 -13.44 17.18 -8.24
N ALA A 157 -13.87 15.96 -8.53
CA ALA A 157 -15.24 15.55 -8.26
C ALA A 157 -15.51 15.23 -6.80
N GLY A 158 -14.47 15.05 -5.98
CA GLY A 158 -14.67 14.76 -4.54
C GLY A 158 -14.90 13.24 -4.34
N LEU A 159 -14.65 12.46 -5.37
CA LEU A 159 -14.69 10.99 -5.28
C LEU A 159 -13.48 10.42 -4.50
N ALA A 160 -12.31 11.04 -4.69
CA ALA A 160 -11.13 10.69 -3.92
C ALA A 160 -10.61 12.02 -3.32
N LYS A 161 -10.32 12.05 -2.02
CA LYS A 161 -9.64 13.21 -1.41
C LYS A 161 -8.24 13.40 -2.02
N SER A 162 -7.50 12.31 -2.13
CA SER A 162 -6.14 12.33 -2.70
C SER A 162 -5.98 11.23 -3.70
N ILE A 163 -5.02 11.40 -4.61
CA ILE A 163 -4.75 10.38 -5.60
C ILE A 163 -3.23 10.09 -5.63
N GLY A 164 -2.85 8.87 -6.00
CA GLY A 164 -1.43 8.49 -6.04
C GLY A 164 -1.22 7.33 -6.96
N VAL A 165 -0.01 6.77 -6.93
CA VAL A 165 0.31 5.65 -7.77
C VAL A 165 0.84 4.52 -6.87
N SER A 166 1.01 3.36 -7.48
CA SER A 166 1.52 2.19 -6.76
C SER A 166 2.32 1.38 -7.75
N ASN A 167 3.44 0.82 -7.26
CA ASN A 167 4.33 -0.01 -8.10
C ASN A 167 5.03 0.70 -9.26
N PHE A 168 5.20 2.02 -9.13
CA PHE A 168 5.84 2.81 -10.16
C PHE A 168 7.31 2.92 -9.80
N ASN A 169 8.19 2.80 -10.79
CA ASN A 169 9.59 3.13 -10.59
C ASN A 169 9.84 4.64 -10.82
N ARG A 170 11.09 5.07 -10.61
CA ARG A 170 11.42 6.50 -10.74
C ARG A 170 10.98 7.07 -12.08
N ARG A 171 11.28 6.39 -13.17
CA ARG A 171 11.00 6.88 -14.53
C ARG A 171 9.48 6.99 -14.78
N GLN A 172 8.76 5.97 -14.31
CA GLN A 172 7.30 6.01 -14.44
C GLN A 172 6.72 7.15 -13.64
N LEU A 173 7.28 7.40 -12.46
CA LEU A 173 6.84 8.48 -11.63
C LEU A 173 7.17 9.84 -12.26
N GLU A 174 8.38 9.96 -12.81
CA GLU A 174 8.81 11.18 -13.55
C GLU A 174 7.90 11.54 -14.74
N MET A 175 7.47 10.52 -15.47
CA MET A 175 6.52 10.72 -16.55
C MET A 175 5.28 11.49 -16.15
N ILE A 176 4.65 11.08 -15.05
CA ILE A 176 3.54 11.85 -14.53
C ILE A 176 4.02 13.24 -14.09
N LEU A 177 5.11 13.34 -13.35
CA LEU A 177 5.51 14.65 -12.78
C LEU A 177 5.82 15.73 -13.85
N ASN A 178 6.32 15.26 -14.98
CA ASN A 178 6.71 16.10 -16.10
C ASN A 178 5.58 16.31 -17.09
N LYS A 179 4.38 15.83 -16.76
CA LYS A 179 3.26 15.83 -17.71
C LYS A 179 2.85 17.26 -18.05
N PRO A 180 2.73 17.58 -19.37
CA PRO A 180 2.19 18.92 -19.77
C PRO A 180 0.86 19.27 -19.04
N GLY A 181 0.77 20.38 -18.30
CA GLY A 181 -0.50 20.77 -17.67
C GLY A 181 -0.93 19.95 -16.46
N LEU A 182 0.02 19.22 -15.84
CA LEU A 182 -0.21 18.54 -14.57
C LEU A 182 -1.00 19.40 -13.62
N LYS A 183 -2.10 18.86 -13.09
CA LYS A 183 -2.83 19.59 -12.08
C LYS A 183 -2.52 19.12 -10.65
N TYR A 184 -2.36 17.81 -10.44
CA TYR A 184 -2.08 17.25 -9.13
C TYR A 184 -0.94 16.21 -9.18
N LYS A 185 0.06 16.43 -8.34
CA LYS A 185 1.15 15.44 -8.14
C LYS A 185 0.55 14.21 -7.44
N PRO A 186 1.03 12.99 -7.79
CA PRO A 186 0.70 11.84 -6.92
C PRO A 186 1.10 12.20 -5.47
N VAL A 187 0.26 11.93 -4.48
CA VAL A 187 0.65 12.18 -3.11
C VAL A 187 1.63 11.11 -2.61
N CYS A 188 1.64 9.93 -3.25
CA CYS A 188 2.43 8.80 -2.74
C CYS A 188 2.74 7.85 -3.86
N ASN A 189 3.66 6.94 -3.60
CA ASN A 189 3.88 5.81 -4.47
C ASN A 189 3.96 4.60 -3.52
N GLN A 190 3.06 3.64 -3.66
CA GLN A 190 3.01 2.54 -2.72
C GLN A 190 3.75 1.37 -3.37
N VAL A 191 4.83 0.89 -2.73
CA VAL A 191 5.72 0.00 -3.43
C VAL A 191 6.16 -1.08 -2.44
N GLU A 192 6.70 -2.16 -2.98
CA GLU A 192 7.30 -3.20 -2.13
C GLU A 192 8.50 -2.61 -1.41
N CYS A 193 8.55 -2.74 -0.08
CA CYS A 193 9.64 -2.04 0.64
C CYS A 193 9.83 -2.68 2.02
N HIS A 194 11.04 -3.14 2.32
CA HIS A 194 11.30 -3.83 3.58
C HIS A 194 12.85 -3.94 3.66
N PRO A 195 13.41 -4.49 4.76
CA PRO A 195 14.88 -4.45 4.86
C PRO A 195 15.66 -5.18 3.73
N TYR A 196 15.02 -6.11 3.06
CA TYR A 196 15.73 -6.79 1.92
C TYR A 196 15.63 -6.08 0.61
N PHE A 197 14.82 -5.02 0.57
CA PHE A 197 14.53 -4.32 -0.70
C PHE A 197 14.09 -2.94 -0.22
N ASN A 198 15.04 -2.16 0.30
CA ASN A 198 14.68 -1.01 1.10
C ASN A 198 14.38 0.25 0.27
N ARG A 199 14.63 0.17 -1.05
CA ARG A 199 14.27 1.27 -2.00
C ARG A 199 14.88 2.63 -1.68
N SER A 200 16.10 2.66 -1.09
N SER A 200 16.08 2.66 -1.07
CA SER A 200 16.72 3.92 -0.62
CA SER A 200 16.67 3.93 -0.59
C SER A 200 16.75 5.00 -1.67
C SER A 200 16.78 5.01 -1.66
N LYS A 201 17.14 4.62 -2.89
CA LYS A 201 17.25 5.62 -4.00
C LYS A 201 15.87 6.16 -4.41
N LEU A 202 14.93 5.25 -4.65
CA LEU A 202 13.54 5.65 -4.91
C LEU A 202 12.97 6.51 -3.76
N LEU A 203 13.28 6.14 -2.51
CA LEU A 203 12.81 6.87 -1.34
C LEU A 203 13.38 8.32 -1.37
N ASP A 204 14.68 8.45 -1.64
CA ASP A 204 15.30 9.82 -1.72
C ASP A 204 14.62 10.61 -2.84
N PHE A 205 14.38 9.98 -3.98
CA PHE A 205 13.71 10.66 -5.06
C PHE A 205 12.30 11.21 -4.63
N CYS A 206 11.43 10.34 -4.09
CA CYS A 206 10.13 10.75 -3.50
C CYS A 206 10.20 11.89 -2.45
N LYS A 207 11.14 11.82 -1.47
CA LYS A 207 11.36 12.91 -0.51
C LYS A 207 11.66 14.25 -1.22
N SER A 208 12.44 14.20 -2.32
CA SER A 208 12.88 15.40 -3.03
C SER A 208 11.67 16.04 -3.71
N LYS A 209 10.64 15.22 -3.98
CA LYS A 209 9.42 15.72 -4.60
C LYS A 209 8.23 15.90 -3.68
N ASP A 210 8.41 15.77 -2.36
CA ASP A 210 7.31 15.74 -1.37
C ASP A 210 6.24 14.67 -1.71
N ILE A 211 6.71 13.53 -2.19
CA ILE A 211 5.84 12.36 -2.44
C ILE A 211 6.21 11.34 -1.38
N VAL A 212 5.19 10.83 -0.71
CA VAL A 212 5.33 9.85 0.36
C VAL A 212 5.53 8.48 -0.24
N LEU A 213 6.48 7.73 0.32
CA LEU A 213 6.62 6.35 -0.08
C LEU A 213 5.87 5.49 0.93
N VAL A 214 4.95 4.66 0.46
CA VAL A 214 4.18 3.76 1.32
C VAL A 214 4.70 2.34 1.09
N ALA A 215 5.11 1.66 2.15
CA ALA A 215 5.73 0.34 2.04
C ALA A 215 4.68 -0.73 2.19
N TYR A 216 4.58 -1.64 1.21
CA TYR A 216 3.85 -2.88 1.39
C TYR A 216 4.82 -4.06 1.44
N SER A 217 4.31 -5.23 1.88
CA SER A 217 5.18 -6.39 2.19
C SER A 217 6.31 -5.97 3.15
N ALA A 218 6.03 -4.96 4.00
CA ALA A 218 7.02 -4.50 4.99
C ALA A 218 7.40 -5.60 6.01
N LEU A 219 6.55 -6.60 6.14
CA LEU A 219 6.86 -7.73 7.03
C LEU A 219 7.37 -8.92 6.20
N GLY A 220 7.69 -8.71 4.92
CA GLY A 220 8.20 -9.81 4.12
C GLY A 220 7.17 -10.52 3.26
N SER A 221 5.96 -9.99 3.15
CA SER A 221 4.90 -10.54 2.25
C SER A 221 4.22 -11.77 2.83
N GLN A 222 3.10 -12.14 2.24
CA GLN A 222 2.39 -13.30 2.70
C GLN A 222 2.99 -14.55 2.08
N ARG A 223 4.03 -14.39 1.27
CA ARG A 223 4.71 -15.55 0.65
C ARG A 223 3.74 -16.45 -0.15
N ASP A 224 2.79 -15.82 -0.86
CA ASP A 224 1.84 -16.58 -1.65
C ASP A 224 2.57 -17.28 -2.80
N LYS A 225 2.45 -18.60 -2.86
CA LYS A 225 3.14 -19.42 -3.89
C LYS A 225 2.86 -19.02 -5.36
N ARG A 226 1.77 -18.30 -5.62
CA ARG A 226 1.45 -17.82 -7.00
C ARG A 226 2.42 -16.75 -7.45
N TRP A 227 3.08 -16.01 -6.53
CA TRP A 227 4.06 -14.98 -6.99
C TRP A 227 5.37 -15.01 -6.23
N VAL A 228 5.43 -15.77 -5.14
CA VAL A 228 6.63 -15.71 -4.26
C VAL A 228 7.29 -17.09 -4.18
N ASP A 229 8.58 -17.13 -4.43
CA ASP A 229 9.32 -18.35 -4.28
C ASP A 229 9.44 -18.73 -2.78
N PRO A 230 8.92 -19.91 -2.41
CA PRO A 230 9.03 -20.38 -1.02
C PRO A 230 10.49 -20.58 -0.58
N ASN A 231 11.44 -20.67 -1.51
CA ASN A 231 12.86 -20.70 -1.12
C ASN A 231 13.42 -19.34 -0.70
N SER A 232 12.70 -18.28 -1.01
CA SER A 232 13.23 -16.98 -0.67
C SER A 232 13.39 -16.84 0.87
N PRO A 233 14.33 -15.99 1.31
CA PRO A 233 14.51 -15.89 2.75
C PRO A 233 13.28 -15.28 3.46
N VAL A 234 13.02 -15.76 4.68
CA VAL A 234 11.88 -15.32 5.45
C VAL A 234 12.37 -14.08 6.20
N LEU A 235 11.90 -12.91 5.77
CA LEU A 235 12.35 -11.67 6.41
C LEU A 235 12.30 -11.70 7.95
N LEU A 236 11.18 -12.12 8.52
CA LEU A 236 10.98 -12.11 9.99
C LEU A 236 11.85 -13.13 10.78
N GLU A 237 12.60 -13.95 10.08
CA GLU A 237 13.60 -14.80 10.70
C GLU A 237 14.97 -14.22 10.49
N ASP A 238 15.08 -13.00 9.96
CA ASP A 238 16.41 -12.47 9.78
C ASP A 238 17.17 -12.33 11.13
N PRO A 239 18.46 -12.71 11.17
CA PRO A 239 19.20 -12.75 12.48
C PRO A 239 19.46 -11.34 13.03
N VAL A 240 19.60 -10.36 12.14
CA VAL A 240 19.79 -8.99 12.60
C VAL A 240 18.47 -8.47 13.15
N LEU A 241 17.36 -8.65 12.42
CA LEU A 241 16.04 -8.37 13.00
C LEU A 241 15.78 -9.07 14.34
N CYS A 242 16.10 -10.36 14.41
CA CYS A 242 15.86 -11.08 15.64
CA CYS A 242 15.89 -11.12 15.65
C CYS A 242 16.76 -10.52 16.76
N ALA A 243 18.02 -10.21 16.47
CA ALA A 243 18.93 -9.64 17.49
C ALA A 243 18.44 -8.26 17.96
N LEU A 244 17.90 -7.46 17.04
CA LEU A 244 17.29 -6.17 17.43
C LEU A 244 16.01 -6.34 18.25
N ALA A 245 15.21 -7.33 17.92
CA ALA A 245 13.97 -7.54 18.69
C ALA A 245 14.35 -7.94 20.12
N LYS A 246 15.39 -8.78 20.30
CA LYS A 246 15.87 -9.16 21.66
C LYS A 246 16.40 -7.94 22.42
N LYS A 247 17.14 -7.07 21.72
CA LYS A 247 17.70 -5.88 22.33
C LYS A 247 16.62 -4.96 22.85
N HIS A 248 15.58 -4.76 22.03
CA HIS A 248 14.49 -3.87 22.43
C HIS A 248 13.35 -4.57 23.17
N LYS A 249 13.51 -5.88 23.34
CA LYS A 249 12.45 -6.74 23.84
C LYS A 249 11.09 -6.44 23.13
N ARG A 250 11.15 -6.49 21.80
CA ARG A 250 9.95 -6.33 20.93
C ARG A 250 9.91 -7.57 20.04
N THR A 251 9.50 -7.43 18.80
CA THR A 251 9.46 -8.63 17.93
C THR A 251 10.10 -8.23 16.61
N PRO A 252 10.57 -9.23 15.83
CA PRO A 252 11.10 -8.82 14.54
C PRO A 252 10.11 -7.98 13.69
N ALA A 253 8.80 -8.25 13.76
CA ALA A 253 7.81 -7.48 12.97
C ALA A 253 7.88 -6.05 13.42
N LEU A 254 7.93 -5.86 14.74
CA LEU A 254 7.94 -4.48 15.24
C LEU A 254 9.16 -3.69 14.81
N ILE A 255 10.31 -4.34 14.84
CA ILE A 255 11.55 -3.69 14.36
C ILE A 255 11.40 -3.28 12.88
N ALA A 256 10.91 -4.21 12.04
CA ALA A 256 10.73 -3.94 10.59
C ALA A 256 9.75 -2.78 10.31
N LEU A 257 8.66 -2.72 11.09
CA LEU A 257 7.75 -1.55 10.98
C LEU A 257 8.38 -0.22 11.47
N ARG A 258 9.06 -0.26 12.62
CA ARG A 258 9.65 0.97 13.17
C ARG A 258 10.76 1.53 12.26
N TYR A 259 11.53 0.62 11.67
CA TYR A 259 12.52 0.96 10.66
C TYR A 259 11.91 1.90 9.62
N GLN A 260 10.73 1.54 9.13
CA GLN A 260 10.11 2.37 8.06
C GLN A 260 9.72 3.77 8.55
N LEU A 261 9.10 3.82 9.73
CA LEU A 261 8.63 5.11 10.26
C LEU A 261 9.81 6.02 10.46
N GLN A 262 10.94 5.46 10.90
CA GLN A 262 12.13 6.30 11.15
C GLN A 262 12.80 6.76 9.86
N ARG A 263 12.54 6.07 8.74
CA ARG A 263 12.98 6.48 7.39
CA ARG A 263 13.06 6.61 7.46
C ARG A 263 12.03 7.50 6.76
N GLY A 264 10.94 7.84 7.43
CA GLY A 264 9.94 8.74 6.80
C GLY A 264 9.02 7.99 5.83
N VAL A 265 8.94 6.66 5.97
CA VAL A 265 8.13 5.84 5.06
C VAL A 265 6.81 5.54 5.79
N VAL A 266 5.67 5.67 5.12
CA VAL A 266 4.34 5.21 5.63
C VAL A 266 4.31 3.71 5.46
N VAL A 267 3.97 2.98 6.55
CA VAL A 267 4.10 1.53 6.49
C VAL A 267 2.75 0.83 6.64
N LEU A 268 2.50 -0.16 5.78
CA LEU A 268 1.33 -1.03 5.95
C LEU A 268 1.74 -2.29 6.67
N ALA A 269 0.77 -2.88 7.37
CA ALA A 269 0.99 -4.17 8.01
C ALA A 269 -0.31 -4.93 7.83
N LYS A 270 -0.27 -6.06 7.12
CA LYS A 270 -1.45 -6.96 7.12
C LYS A 270 -1.34 -7.95 8.26
N SER A 271 -2.44 -8.19 8.98
CA SER A 271 -2.53 -9.36 9.88
C SER A 271 -3.99 -9.72 10.01
N TYR A 272 -4.30 -10.99 9.82
CA TYR A 272 -5.63 -11.48 10.12
C TYR A 272 -5.69 -12.16 11.51
N ASN A 273 -4.70 -11.88 12.38
CA ASN A 273 -4.61 -12.51 13.71
C ASN A 273 -4.84 -11.49 14.81
N GLU A 274 -5.84 -11.74 15.66
CA GLU A 274 -6.17 -10.78 16.71
C GLU A 274 -4.95 -10.28 17.51
N GLN A 275 -4.10 -11.18 17.97
CA GLN A 275 -2.92 -10.79 18.79
C GLN A 275 -1.97 -9.93 17.96
N ARG A 276 -1.67 -10.39 16.74
CA ARG A 276 -0.67 -9.66 15.95
C ARG A 276 -1.16 -8.27 15.48
N ILE A 277 -2.47 -8.14 15.24
CA ILE A 277 -3.03 -6.82 14.92
C ILE A 277 -2.76 -5.88 16.06
N ARG A 278 -3.08 -6.32 17.27
CA ARG A 278 -2.86 -5.41 18.43
C ARG A 278 -1.40 -5.17 18.68
N GLN A 279 -0.59 -6.22 18.50
CA GLN A 279 0.87 -6.09 18.63
C GLN A 279 1.46 -5.04 17.71
N ASN A 280 0.93 -4.91 16.49
CA ASN A 280 1.53 -4.04 15.48
C ASN A 280 1.43 -2.56 15.80
N VAL A 281 0.41 -2.17 16.55
CA VAL A 281 0.33 -0.76 16.91
C VAL A 281 1.35 -0.37 18.00
N GLN A 282 2.05 -1.36 18.54
CA GLN A 282 3.13 -1.00 19.46
C GLN A 282 4.30 -0.30 18.74
N VAL A 283 4.24 -0.20 17.42
CA VAL A 283 5.38 0.45 16.70
C VAL A 283 5.64 1.87 17.22
N PHE A 284 4.58 2.51 17.74
CA PHE A 284 4.68 3.88 18.27
C PHE A 284 5.32 3.92 19.64
N GLU A 285 5.51 2.76 20.29
CA GLU A 285 5.89 2.76 21.70
C GLU A 285 7.41 2.68 21.95
N PHE A 286 8.24 2.61 20.90
CA PHE A 286 9.69 2.55 21.11
C PHE A 286 10.40 3.14 19.90
N GLN A 287 11.71 3.32 20.00
CA GLN A 287 12.45 3.75 18.85
C GLN A 287 13.78 3.04 18.69
N LEU A 288 14.32 3.11 17.48
CA LEU A 288 15.61 2.51 17.19
C LEU A 288 16.72 3.58 17.20
N THR A 289 17.94 3.21 17.56
CA THR A 289 19.03 4.18 17.52
C THR A 289 19.60 4.21 16.09
N ALA A 290 20.51 5.16 15.84
CA ALA A 290 21.26 5.19 14.55
C ALA A 290 22.00 3.88 14.23
N GLU A 291 22.66 3.29 15.24
CA GLU A 291 23.40 2.03 15.00
C GLU A 291 22.41 0.94 14.63
N ASP A 292 21.24 0.93 15.27
CA ASP A 292 20.19 -0.01 14.83
C ASP A 292 19.74 0.17 13.37
N MET A 293 19.53 1.40 12.96
CA MET A 293 19.04 1.74 11.59
C MET A 293 20.07 1.38 10.53
N LYS A 294 21.32 1.72 10.82
CA LYS A 294 22.45 1.27 10.02
C LYS A 294 22.49 -0.27 9.89
N ALA A 295 22.27 -1.01 11.00
CA ALA A 295 22.30 -2.48 10.94
C ALA A 295 21.22 -2.99 10.00
N ILE A 296 20.04 -2.38 10.09
CA ILE A 296 18.91 -2.73 9.21
C ILE A 296 19.18 -2.35 7.73
N ASP A 297 19.62 -1.12 7.50
CA ASP A 297 20.06 -0.64 6.18
C ASP A 297 21.04 -1.63 5.51
N GLY A 298 21.87 -2.28 6.31
CA GLY A 298 22.87 -3.25 5.81
C GLY A 298 22.27 -4.55 5.32
N LEU A 299 20.97 -4.76 5.55
CA LEU A 299 20.30 -5.96 5.06
C LEU A 299 19.88 -5.90 3.57
N ASP A 300 19.91 -4.70 3.02
CA ASP A 300 19.38 -4.49 1.68
C ASP A 300 20.06 -5.45 0.71
N ARG A 301 19.27 -6.20 -0.03
CA ARG A 301 19.83 -7.12 -1.00
C ARG A 301 19.00 -7.25 -2.29
N ASN A 302 18.34 -6.16 -2.71
CA ASN A 302 17.54 -6.13 -3.96
C ASN A 302 16.61 -7.30 -4.14
N LEU A 303 15.95 -7.72 -3.08
CA LEU A 303 15.07 -8.85 -3.18
C LEU A 303 13.63 -8.40 -3.14
N HIS A 304 12.91 -8.56 -4.26
CA HIS A 304 11.48 -8.29 -4.26
C HIS A 304 10.82 -9.66 -4.23
N TYR A 305 9.97 -9.88 -3.22
CA TYR A 305 9.30 -11.13 -3.02
C TYR A 305 8.41 -11.48 -4.19
N PHE A 306 7.69 -10.47 -4.71
CA PHE A 306 6.76 -10.70 -5.84
C PHE A 306 7.64 -10.84 -7.06
N ASN A 307 7.73 -12.05 -7.61
CA ASN A 307 8.79 -12.33 -8.57
C ASN A 307 8.19 -13.34 -9.49
N SER A 308 7.42 -12.89 -10.48
CA SER A 308 6.57 -13.84 -11.26
C SER A 308 6.70 -13.52 -12.75
N ASP A 309 6.69 -14.53 -13.62
CA ASP A 309 6.52 -14.28 -15.08
C ASP A 309 5.32 -13.31 -15.39
N SER A 310 4.21 -13.43 -14.67
CA SER A 310 3.08 -12.48 -14.81
C SER A 310 3.55 -11.03 -14.88
N PHE A 311 4.57 -10.64 -14.12
CA PHE A 311 4.98 -9.26 -14.08
C PHE A 311 6.20 -9.06 -14.94
N ALA A 312 7.18 -9.97 -14.83
CA ALA A 312 8.52 -9.73 -15.35
C ALA A 312 8.55 -9.63 -16.86
N SER A 313 7.58 -10.22 -17.53
CA SER A 313 7.59 -10.14 -18.99
C SER A 313 6.73 -8.99 -19.52
N HIS A 314 6.23 -8.10 -18.65
CA HIS A 314 5.38 -6.96 -19.06
C HIS A 314 6.23 -5.86 -19.60
N PRO A 315 5.79 -5.21 -20.70
CA PRO A 315 6.55 -4.07 -21.26
C PRO A 315 6.76 -2.97 -20.26
N ASN A 316 5.87 -2.84 -19.27
CA ASN A 316 6.02 -1.81 -18.24
C ASN A 316 6.38 -2.29 -16.84
N TYR A 317 6.97 -3.47 -16.77
CA TYR A 317 7.48 -4.03 -15.51
C TYR A 317 8.30 -2.99 -14.75
N PRO A 318 7.90 -2.63 -13.51
CA PRO A 318 8.61 -1.59 -12.81
C PRO A 318 10.04 -1.95 -12.41
N TYR A 319 10.38 -3.25 -12.33
CA TYR A 319 11.72 -3.56 -11.82
C TYR A 319 12.77 -3.66 -12.95
N SER A 320 12.36 -3.27 -14.17
CA SER A 320 13.28 -3.21 -15.31
C SER A 320 14.45 -2.23 -15.21
N ASP A 321 14.42 -1.28 -14.27
CA ASP A 321 15.41 -0.18 -14.22
C ASP A 321 16.55 -0.22 -13.15
PA NAP B . 2.71 -7.97 5.21
O1A NAP B . 2.31 -6.71 5.84
O2A NAP B . 4.12 -8.03 4.62
O5B NAP B . 2.61 -9.26 6.19
C5B NAP B . 3.07 -10.60 5.89
C4B NAP B . 2.64 -11.57 7.01
O4B NAP B . 3.16 -10.97 8.20
C3B NAP B . 1.13 -11.44 7.22
O3B NAP B . 0.49 -12.42 6.42
C2B NAP B . 0.95 -11.68 8.71
O2B NAP B . 0.51 -13.01 9.00
C1B NAP B . 2.36 -11.57 9.24
N9A NAP B . 2.40 -10.69 10.44
C8A NAP B . 1.76 -9.53 10.60
N7A NAP B . 2.08 -9.04 11.78
C5A NAP B . 2.95 -9.86 12.35
C6A NAP B . 3.59 -9.88 13.60
N6A NAP B . 3.42 -8.89 14.48
N1A NAP B . 4.39 -10.92 13.90
C2A NAP B . 4.60 -11.94 13.02
N3A NAP B . 3.98 -11.94 11.84
C4A NAP B . 3.16 -10.92 11.49
O3 NAP B . 1.79 -8.47 4.01
PN NAP B . 1.37 -7.95 2.56
O1N NAP B . 0.00 -8.51 2.43
O2N NAP B . 2.41 -8.29 1.56
O5D NAP B . 1.39 -6.33 2.70
C5D NAP B . 0.50 -5.54 3.47
C4D NAP B . -0.58 -4.87 2.64
O4D NAP B . -0.01 -3.97 1.65
C3D NAP B . -1.50 -5.85 1.84
O3D NAP B . -2.52 -6.49 2.71
C2D NAP B . -2.14 -4.86 0.91
O2D NAP B . -3.08 -4.07 1.67
C1D NAP B . -0.93 -3.92 0.56
N1N NAP B . -0.18 -4.49 -0.60
C2N NAP B . -0.26 -3.76 -1.77
C3N NAP B . 0.43 -4.21 -2.90
C7N NAP B . 0.36 -3.39 -4.18
O7N NAP B . 0.54 -3.95 -5.25
N7N NAP B . 0.19 -2.04 -4.04
C4N NAP B . 1.12 -5.43 -2.86
C5N NAP B . 1.19 -6.17 -1.66
C6N NAP B . 0.54 -5.73 -0.50
P2B NAP B . -0.94 -13.12 9.83
O1X NAP B . -2.10 -12.61 9.02
O2X NAP B . -1.01 -14.63 10.16
O3X NAP B . -0.68 -12.35 11.17
O16 ID8 C . -2.01 -5.59 -3.92
C14 ID8 C . -1.73 -6.67 -3.38
O15 ID8 C . -1.88 -6.87 -2.15
C13 ID8 C . -1.52 -7.88 -4.29
C12 ID8 C . -2.00 -9.10 -3.79
C11 ID8 C . -1.83 -10.27 -4.59
C10 ID8 C . -1.18 -10.18 -5.84
C9 ID8 C . -0.70 -8.96 -6.34
C8 ID8 C . -0.88 -7.78 -5.56
N7 ID8 C . -0.39 -6.61 -5.99
C6 ID8 C . 0.24 -6.35 -7.17
C1 ID8 C . 1.64 -6.42 -7.32
C17 ID8 C . 2.55 -6.90 -6.16
C5 ID8 C . -0.53 -5.94 -8.29
C4 ID8 C . 0.06 -5.63 -9.52
C3 ID8 C . 1.46 -5.73 -9.67
C2 ID8 C . 2.23 -6.11 -8.57
C18 ID8 C . 3.78 -6.20 -8.78
C1 EDO D . -2.53 4.60 13.18
O1 EDO D . -3.22 4.22 11.94
C2 EDO D . -2.06 6.05 13.13
O2 EDO D . -0.95 6.13 12.24
C1 EDO E . -2.56 -10.09 -9.54
O1 EDO E . -3.43 -11.10 -10.01
C2 EDO E . -1.42 -10.11 -10.51
O2 EDO E . -1.81 -9.29 -11.59
C1 EDO F . 1.35 20.23 -10.41
O1 EDO F . 1.34 20.29 -8.99
C2 EDO F . 1.45 21.65 -10.88
O2 EDO F . 0.43 22.35 -10.18
C1 EDO G . -1.12 19.59 -4.95
O1 EDO G . -2.07 18.62 -5.39
C2 EDO G . 0.25 19.17 -5.49
O2 EDO G . 0.15 18.87 -6.90
#